data_6YP6
#
_entry.id   6YP6
#
_cell.length_a   54.522
_cell.length_b   54.824
_cell.length_c   72.770
_cell.angle_alpha   90.000
_cell.angle_beta   90.000
_cell.angle_gamma   90.000
#
_symmetry.space_group_name_H-M   'P 21 21 21'
#
loop_
_entity.id
_entity.type
_entity.pdbx_description
1 polymer NanS-p
2 non-polymer GLYCEROL
3 water water
#
_entity_poly.entity_id   1
_entity_poly.type   'polypeptide(L)'
_entity_poly.pdbx_seq_one_letter_code
;GVTTLLSYLASESEGSLKVQGWSASGGRAEVVSDAEGTGGKAVKLTKEAGKSSWVLEYAAGNGAALLQKGGQIRCRFKVS
GALAANQYVMAFYWPVSSLPQGVALTGDGGNNLLAAFYIQTDAKDLNVMYHNAKVATNNLKLGTFGAFDNEWHTLAFRFA
GNNSLQVTPVIDGQDGTPFTLTQSPVSAFAADKLHVTDITRGATYPVLIDSIAVEVNS
;
_entity_poly.pdbx_strand_id   A
#
loop_
_chem_comp.id
_chem_comp.type
_chem_comp.name
_chem_comp.formula
GOL non-polymer GLYCEROL 'C3 H8 O3'
#
# COMPACT_ATOMS: atom_id res chain seq x y z
N GLY A 1 -16.03 9.77 15.06
CA GLY A 1 -15.44 8.92 14.04
C GLY A 1 -13.97 9.24 13.81
N VAL A 2 -13.43 8.76 12.71
CA VAL A 2 -12.01 8.92 12.41
C VAL A 2 -11.77 10.24 11.71
N THR A 3 -10.51 10.69 11.73
CA THR A 3 -10.04 11.78 10.89
C THR A 3 -9.23 11.19 9.75
N THR A 4 -9.19 11.91 8.64
CA THR A 4 -8.45 11.48 7.46
C THR A 4 -7.08 12.14 7.50
N LEU A 5 -6.04 11.32 7.58
CA LEU A 5 -4.68 11.84 7.44
C LEU A 5 -4.36 12.13 5.98
N LEU A 6 -4.76 11.23 5.10
CA LEU A 6 -4.58 11.42 3.67
C LEU A 6 -5.61 10.53 2.95
N SER A 7 -5.98 10.95 1.75
CA SER A 7 -6.86 10.11 0.95
C SER A 7 -6.71 10.41 -0.53
N TYR A 8 -6.95 9.37 -1.33
CA TYR A 8 -7.24 9.45 -2.74
C TYR A 8 -8.55 8.71 -2.99
N LEU A 9 -9.48 9.34 -3.71
CA LEU A 9 -10.73 8.71 -4.12
C LEU A 9 -10.89 8.93 -5.63
N ALA A 10 -11.11 7.86 -6.38
CA ALA A 10 -11.30 8.02 -7.81
C ALA A 10 -12.59 8.75 -8.15
N SER A 11 -13.54 8.81 -7.21
CA SER A 11 -14.82 9.47 -7.40
C SER A 11 -14.81 10.94 -6.99
N GLU A 12 -13.71 11.42 -6.43
CA GLU A 12 -13.58 12.81 -5.97
C GLU A 12 -12.79 13.61 -6.98
N SER A 13 -13.25 14.83 -7.26
CA SER A 13 -12.50 15.76 -8.12
C SER A 13 -12.12 15.11 -9.44
N GLU A 14 -13.08 14.44 -10.06
CA GLU A 14 -12.89 13.77 -11.35
C GLU A 14 -11.77 12.74 -11.30
N GLY A 15 -11.46 12.23 -10.11
CA GLY A 15 -10.39 11.26 -9.96
C GLY A 15 -9.00 11.81 -10.06
N SER A 16 -8.83 13.12 -10.01
CA SER A 16 -7.51 13.71 -10.20
C SER A 16 -6.62 13.53 -8.98
N LEU A 17 -5.51 12.80 -9.17
CA LEU A 17 -4.48 12.71 -8.15
C LEU A 17 -3.90 14.08 -7.84
N LYS A 18 -3.66 14.88 -8.89
CA LYS A 18 -3.05 16.19 -8.71
C LYS A 18 -3.91 17.08 -7.84
N VAL A 19 -5.21 17.18 -8.15
CA VAL A 19 -6.11 18.04 -7.38
C VAL A 19 -6.17 17.59 -5.94
N GLN A 20 -6.05 16.28 -5.70
CA GLN A 20 -6.13 15.71 -4.37
C GLN A 20 -4.80 15.75 -3.60
N GLY A 21 -3.76 16.36 -4.17
CA GLY A 21 -2.54 16.62 -3.43
C GLY A 21 -1.45 15.58 -3.58
N TRP A 22 -1.68 14.55 -4.40
CA TRP A 22 -0.70 13.51 -4.63
C TRP A 22 0.27 13.92 -5.73
N SER A 23 1.49 13.41 -5.64
N SER A 23 1.50 13.46 -5.61
CA SER A 23 2.49 13.53 -6.69
CA SER A 23 2.45 13.52 -6.71
C SER A 23 2.63 12.18 -7.39
C SER A 23 2.40 12.17 -7.43
N ALA A 24 2.68 12.20 -8.71
CA ALA A 24 2.67 10.99 -9.52
C ALA A 24 3.82 11.10 -10.50
N SER A 25 4.55 10.01 -10.68
CA SER A 25 5.63 9.99 -11.63
C SER A 25 5.74 8.60 -12.23
N GLY A 26 6.17 8.55 -13.48
CA GLY A 26 6.24 7.30 -14.20
C GLY A 26 4.84 6.84 -14.60
N GLY A 27 4.81 6.03 -15.66
CA GLY A 27 3.57 5.40 -16.04
C GLY A 27 2.46 6.35 -16.43
N ARG A 28 1.25 5.81 -16.33
CA ARG A 28 0.02 6.48 -16.74
C ARG A 28 -1.04 6.18 -15.69
N ALA A 29 -1.83 7.21 -15.36
CA ALA A 29 -2.98 7.07 -14.47
C ALA A 29 -4.18 7.56 -15.27
N GLU A 30 -5.09 6.65 -15.62
CA GLU A 30 -6.26 6.98 -16.41
C GLU A 30 -7.51 6.75 -15.57
N VAL A 31 -8.31 7.80 -15.39
CA VAL A 31 -9.58 7.63 -14.69
C VAL A 31 -10.54 6.91 -15.62
N VAL A 32 -11.12 5.81 -15.16
CA VAL A 32 -11.92 4.93 -15.98
C VAL A 32 -13.25 4.67 -15.28
N SER A 33 -14.19 4.14 -16.05
CA SER A 33 -15.45 3.66 -15.52
C SER A 33 -15.32 2.19 -15.13
N ASP A 34 -15.84 1.86 -13.95
CA ASP A 34 -15.93 0.47 -13.50
C ASP A 34 -17.20 0.41 -12.65
N ALA A 35 -18.14 -0.45 -13.05
CA ALA A 35 -19.44 -0.45 -12.39
C ALA A 35 -19.35 -0.75 -10.91
N GLU A 36 -18.31 -1.44 -10.47
CA GLU A 36 -18.15 -1.79 -9.06
C GLU A 36 -17.18 -0.87 -8.33
N GLY A 37 -16.62 0.12 -9.02
CA GLY A 37 -15.92 1.19 -8.33
C GLY A 37 -16.89 2.11 -7.61
N THR A 38 -16.40 2.80 -6.59
CA THR A 38 -17.23 3.79 -5.90
C THR A 38 -17.58 4.90 -6.88
N GLY A 39 -18.87 5.24 -6.94
CA GLY A 39 -19.32 6.18 -7.94
C GLY A 39 -19.13 5.72 -9.36
N GLY A 40 -18.89 4.44 -9.58
CA GLY A 40 -18.67 3.93 -10.91
C GLY A 40 -17.31 4.27 -11.50
N LYS A 41 -16.34 4.64 -10.67
CA LYS A 41 -15.05 5.13 -11.13
C LYS A 41 -13.90 4.37 -10.51
N ALA A 42 -12.76 4.45 -11.17
CA ALA A 42 -11.50 3.94 -10.65
C ALA A 42 -10.40 4.65 -11.41
N VAL A 43 -9.17 4.55 -10.93
CA VAL A 43 -8.00 5.01 -11.68
C VAL A 43 -7.16 3.80 -12.05
N LYS A 44 -6.86 3.67 -13.33
CA LYS A 44 -6.11 2.56 -13.88
C LYS A 44 -4.66 2.97 -14.00
N LEU A 45 -3.78 2.22 -13.36
CA LEU A 45 -2.36 2.51 -13.29
C LEU A 45 -1.60 1.48 -14.11
N THR A 46 -0.85 1.99 -15.08
CA THR A 46 -0.05 1.19 -15.99
C THR A 46 1.26 1.92 -16.25
N LYS A 47 2.15 1.23 -16.96
CA LYS A 47 3.37 1.85 -17.45
CA LYS A 47 3.37 1.85 -17.46
C LYS A 47 3.85 1.07 -18.68
N GLU A 48 4.82 1.64 -19.38
CA GLU A 48 5.45 0.94 -20.50
C GLU A 48 6.52 0.01 -19.93
N ALA A 49 6.38 -1.30 -20.16
CA ALA A 49 7.33 -2.25 -19.60
C ALA A 49 8.75 -1.90 -20.03
N GLY A 50 9.67 -1.98 -19.08
CA GLY A 50 11.03 -1.54 -19.30
C GLY A 50 11.28 -0.10 -18.94
N LYS A 51 10.24 0.74 -18.92
CA LYS A 51 10.36 2.12 -18.50
C LYS A 51 10.13 2.23 -16.99
N SER A 52 10.24 3.45 -16.47
N SER A 52 10.25 3.45 -16.46
CA SER A 52 10.22 3.64 -15.03
CA SER A 52 10.29 3.61 -15.01
C SER A 52 8.96 3.07 -14.40
C SER A 52 8.99 3.15 -14.36
N SER A 53 9.14 2.43 -13.25
CA SER A 53 8.04 2.09 -12.37
CA SER A 53 8.02 2.09 -12.40
C SER A 53 7.23 3.34 -12.04
N TRP A 54 5.93 3.18 -11.88
CA TRP A 54 5.12 4.30 -11.46
C TRP A 54 5.15 4.44 -9.94
N VAL A 55 5.03 5.68 -9.48
CA VAL A 55 5.04 5.99 -8.06
C VAL A 55 4.02 7.09 -7.81
N LEU A 56 3.17 6.88 -6.82
CA LEU A 56 2.28 7.89 -6.26
C LEU A 56 2.77 8.21 -4.87
N GLU A 57 2.80 9.48 -4.50
CA GLU A 57 3.29 9.90 -3.19
C GLU A 57 2.37 10.91 -2.56
N TYR A 58 2.23 10.83 -1.24
CA TYR A 58 1.52 11.83 -0.46
C TYR A 58 2.36 12.15 0.77
N ALA A 59 2.40 13.43 1.12
CA ALA A 59 3.08 13.94 2.33
C ALA A 59 2.26 13.55 3.56
N ALA A 60 2.67 12.45 4.20
CA ALA A 60 1.92 11.80 5.26
C ALA A 60 2.39 12.15 6.66
N GLY A 61 3.52 12.84 6.80
CA GLY A 61 4.10 13.04 8.10
C GLY A 61 4.68 11.77 8.68
N ASN A 62 5.01 11.84 9.97
CA ASN A 62 5.67 10.73 10.66
C ASN A 62 4.69 9.77 11.33
N GLY A 63 3.38 10.00 11.24
CA GLY A 63 2.43 9.04 11.76
C GLY A 63 2.33 8.91 13.25
N ALA A 64 2.85 9.87 14.01
CA ALA A 64 2.82 9.74 15.48
C ALA A 64 1.40 9.58 16.01
N ALA A 65 0.44 10.33 15.47
CA ALA A 65 -0.92 10.24 15.98
C ALA A 65 -1.56 8.90 15.64
N LEU A 66 -1.25 8.35 14.46
CA LEU A 66 -1.71 7.00 14.12
C LEU A 66 -1.23 6.00 15.15
N LEU A 67 0.04 6.09 15.54
CA LEU A 67 0.56 5.17 16.55
C LEU A 67 -0.11 5.37 17.91
N GLN A 68 -0.36 6.63 18.29
CA GLN A 68 -0.91 6.94 19.60
C GLN A 68 -2.38 6.54 19.69
N LYS A 69 -3.16 6.93 18.68
CA LYS A 69 -4.61 6.79 18.73
C LYS A 69 -5.12 5.55 18.03
N GLY A 70 -4.30 4.93 17.19
CA GLY A 70 -4.75 3.87 16.31
C GLY A 70 -5.44 4.44 15.08
N GLY A 71 -5.73 3.55 14.15
CA GLY A 71 -6.31 3.92 12.87
C GLY A 71 -6.03 2.84 11.85
N GLN A 72 -6.05 3.23 10.58
N GLN A 72 -6.04 3.23 10.58
CA GLN A 72 -5.85 2.25 9.52
CA GLN A 72 -5.78 2.23 9.55
C GLN A 72 -5.18 2.89 8.30
C GLN A 72 -5.25 2.85 8.28
N ILE A 73 -4.43 2.07 7.59
CA ILE A 73 -3.98 2.33 6.22
C ILE A 73 -4.83 1.40 5.34
N ARG A 74 -5.50 1.94 4.32
CA ARG A 74 -6.43 1.12 3.55
C ARG A 74 -6.37 1.42 2.06
N CYS A 75 -6.73 0.41 1.27
CA CYS A 75 -6.84 0.54 -0.17
C CYS A 75 -7.87 -0.45 -0.69
N ARG A 76 -8.68 0.01 -1.64
CA ARG A 76 -9.57 -0.85 -2.41
C ARG A 76 -9.07 -0.84 -3.86
N PHE A 77 -8.87 -2.04 -4.43
CA PHE A 77 -8.18 -2.18 -5.69
C PHE A 77 -8.68 -3.42 -6.42
N LYS A 78 -8.39 -3.46 -7.71
CA LYS A 78 -8.77 -4.57 -8.58
C LYS A 78 -7.59 -4.81 -9.50
N VAL A 79 -7.16 -6.06 -9.60
CA VAL A 79 -6.02 -6.42 -10.45
C VAL A 79 -6.55 -6.89 -11.80
N SER A 80 -5.89 -6.48 -12.88
N SER A 80 -5.93 -6.44 -12.88
CA SER A 80 -6.27 -6.85 -14.23
CA SER A 80 -6.28 -6.90 -14.22
C SER A 80 -5.17 -7.70 -14.86
C SER A 80 -5.18 -7.81 -14.74
N GLY A 81 -5.56 -8.70 -15.65
CA GLY A 81 -4.62 -9.48 -16.41
C GLY A 81 -4.59 -10.94 -15.99
N ALA A 82 -3.86 -11.73 -16.77
CA ALA A 82 -3.74 -13.16 -16.54
C ALA A 82 -2.81 -13.45 -15.36
N LEU A 83 -3.10 -14.52 -14.63
CA LEU A 83 -2.21 -14.97 -13.57
C LEU A 83 -0.83 -15.30 -14.13
N ALA A 84 0.20 -14.67 -13.57
CA ALA A 84 1.59 -14.92 -13.91
C ALA A 84 2.36 -15.14 -12.61
N ALA A 85 3.03 -16.28 -12.50
CA ALA A 85 3.72 -16.60 -11.26
C ALA A 85 4.74 -15.52 -10.92
N ASN A 86 4.73 -15.08 -9.67
CA ASN A 86 5.73 -14.20 -9.06
C ASN A 86 5.61 -12.74 -9.47
N GLN A 87 4.60 -12.38 -10.26
CA GLN A 87 4.46 -11.01 -10.74
C GLN A 87 3.88 -10.09 -9.68
N TYR A 88 4.38 -8.86 -9.65
CA TYR A 88 3.97 -7.86 -8.69
C TYR A 88 2.73 -7.08 -9.16
N VAL A 89 1.96 -6.62 -8.17
CA VAL A 89 0.95 -5.60 -8.34
C VAL A 89 1.51 -4.25 -7.87
N MET A 90 1.71 -4.09 -6.56
CA MET A 90 2.14 -2.80 -6.03
C MET A 90 2.61 -2.98 -4.60
N ALA A 91 3.29 -1.95 -4.10
CA ALA A 91 3.78 -1.86 -2.75
C ALA A 91 3.41 -0.51 -2.15
N PHE A 92 3.31 -0.52 -0.82
CA PHE A 92 3.06 0.65 0.02
C PHE A 92 4.23 0.78 0.99
N TYR A 93 4.97 1.89 0.88
CA TYR A 93 6.08 2.18 1.76
C TYR A 93 5.83 3.50 2.48
N TRP A 94 5.99 3.52 3.79
CA TRP A 94 5.84 4.73 4.59
C TRP A 94 7.01 4.82 5.56
N PRO A 95 8.18 5.24 5.07
CA PRO A 95 9.30 5.50 5.97
C PRO A 95 8.99 6.73 6.80
N VAL A 96 9.43 6.73 8.07
CA VAL A 96 9.20 7.86 8.96
C VAL A 96 10.54 8.36 9.50
N SER A 97 10.61 9.68 9.71
CA SER A 97 11.86 10.32 10.10
C SER A 97 12.14 10.19 11.60
N SER A 98 11.13 9.81 12.39
CA SER A 98 11.30 9.52 13.80
C SER A 98 10.15 8.66 14.23
N LEU A 99 10.34 7.98 15.35
CA LEU A 99 9.27 7.34 16.10
C LEU A 99 9.08 8.09 17.40
N PRO A 100 7.92 7.95 18.04
CA PRO A 100 7.68 8.67 19.29
C PRO A 100 8.68 8.28 20.36
N GLN A 101 8.86 9.17 21.34
CA GLN A 101 9.78 8.88 22.44
C GLN A 101 9.42 7.54 23.06
N GLY A 102 10.43 6.70 23.27
CA GLY A 102 10.22 5.42 23.90
C GLY A 102 9.65 4.35 23.02
N VAL A 103 9.52 4.62 21.72
CA VAL A 103 9.08 3.64 20.73
C VAL A 103 10.27 3.29 19.85
N ALA A 104 10.52 2.01 19.69
CA ALA A 104 11.62 1.56 18.85
C ALA A 104 11.25 0.20 18.28
N LEU A 105 11.55 0.02 17.01
CA LEU A 105 11.23 -1.21 16.31
C LEU A 105 12.28 -2.26 16.62
N THR A 106 11.82 -3.49 16.86
CA THR A 106 12.75 -4.58 17.06
C THR A 106 13.43 -4.95 15.75
N GLY A 107 14.52 -5.70 15.86
CA GLY A 107 15.20 -6.25 14.72
C GLY A 107 16.26 -5.33 14.13
N ASP A 108 16.98 -5.87 13.15
CA ASP A 108 17.93 -5.13 12.35
C ASP A 108 17.32 -4.85 10.98
N GLY A 109 18.06 -4.09 10.17
CA GLY A 109 17.54 -3.60 8.91
C GLY A 109 17.75 -2.10 8.85
N GLY A 110 17.60 -1.47 10.01
CA GLY A 110 18.06 -0.12 10.21
C GLY A 110 17.15 0.96 9.66
N ASN A 111 15.94 0.63 9.21
CA ASN A 111 15.00 1.66 8.78
C ASN A 111 13.64 1.47 9.41
N ASN A 112 13.05 2.59 9.80
CA ASN A 112 11.74 2.63 10.44
C ASN A 112 10.67 2.98 9.41
N LEU A 113 9.76 2.03 9.16
CA LEU A 113 8.64 2.24 8.26
C LEU A 113 7.36 1.78 8.94
N LEU A 114 6.31 2.57 8.80
CA LEU A 114 4.98 2.16 9.27
C LEU A 114 4.26 1.31 8.26
N ALA A 115 4.76 1.29 7.02
CA ALA A 115 4.25 0.39 5.98
C ALA A 115 5.40 -0.04 5.11
N ALA A 116 5.43 -1.33 4.78
CA ALA A 116 6.37 -1.87 3.80
C ALA A 116 5.74 -3.14 3.24
N PHE A 117 4.59 -2.96 2.62
CA PHE A 117 3.70 -4.06 2.30
C PHE A 117 3.52 -4.17 0.80
N TYR A 118 3.65 -5.35 0.24
CA TYR A 118 3.51 -5.51 -1.20
C TYR A 118 2.58 -6.65 -1.53
N ILE A 119 2.05 -6.56 -2.75
CA ILE A 119 1.05 -7.47 -3.27
C ILE A 119 1.63 -8.13 -4.51
N GLN A 120 1.61 -9.46 -4.54
CA GLN A 120 2.31 -10.27 -5.54
C GLN A 120 1.56 -11.58 -5.66
N THR A 121 1.54 -12.17 -6.85
CA THR A 121 1.02 -13.52 -6.98
C THR A 121 2.16 -14.52 -6.85
N ASP A 122 1.85 -15.68 -6.25
CA ASP A 122 2.67 -16.87 -6.46
C ASP A 122 2.16 -17.55 -7.73
N ALA A 123 2.20 -18.89 -7.83
CA ALA A 123 1.66 -19.55 -9.01
C ALA A 123 0.16 -19.77 -8.93
N LYS A 124 -0.50 -19.36 -7.84
CA LYS A 124 -1.92 -19.56 -7.73
C LYS A 124 -2.70 -18.44 -7.04
N ASP A 125 -2.12 -17.82 -6.02
CA ASP A 125 -2.85 -16.92 -5.13
C ASP A 125 -2.29 -15.51 -5.21
N LEU A 126 -3.13 -14.54 -4.83
CA LEU A 126 -2.71 -13.16 -4.63
C LEU A 126 -2.35 -12.97 -3.17
N ASN A 127 -1.10 -12.62 -2.88
CA ASN A 127 -0.58 -12.56 -1.53
C ASN A 127 -0.24 -11.14 -1.11
N VAL A 128 -0.30 -10.93 0.21
CA VAL A 128 0.14 -9.70 0.87
C VAL A 128 1.38 -10.05 1.68
N MET A 129 2.48 -9.33 1.44
CA MET A 129 3.78 -9.63 2.00
C MET A 129 4.32 -8.41 2.74
N TYR A 130 5.18 -8.67 3.73
CA TYR A 130 5.86 -7.63 4.50
C TYR A 130 7.34 -7.67 4.14
N HIS A 131 7.83 -6.58 3.56
CA HIS A 131 9.24 -6.46 3.17
C HIS A 131 10.06 -6.03 4.39
N ASN A 132 10.30 -6.98 5.27
CA ASN A 132 11.03 -6.70 6.50
C ASN A 132 12.28 -7.55 6.64
N ALA A 133 12.69 -8.27 5.61
CA ALA A 133 13.88 -9.09 5.61
C ALA A 133 14.83 -8.63 4.53
N LYS A 134 16.12 -8.94 4.72
CA LYS A 134 17.12 -8.57 3.71
C LYS A 134 16.86 -9.25 2.37
N VAL A 135 16.46 -10.52 2.37
CA VAL A 135 16.18 -11.25 1.14
C VAL A 135 14.73 -11.72 1.18
N ALA A 136 14.08 -11.66 0.01
CA ALA A 136 12.64 -11.77 -0.02
C ALA A 136 12.14 -13.16 0.36
N THR A 137 12.98 -14.17 0.21
CA THR A 137 12.62 -15.51 0.66
C THR A 137 12.31 -15.55 2.15
N ASN A 138 12.74 -14.55 2.90
CA ASN A 138 12.45 -14.46 4.33
C ASN A 138 11.43 -13.39 4.69
N ASN A 139 10.88 -12.66 3.71
CA ASN A 139 9.82 -11.71 4.02
C ASN A 139 8.60 -12.46 4.57
N LEU A 140 7.88 -11.80 5.47
N LEU A 140 7.85 -11.79 5.43
CA LEU A 140 6.71 -12.41 6.08
CA LEU A 140 6.72 -12.43 6.11
C LEU A 140 5.54 -12.39 5.09
C LEU A 140 5.48 -12.36 5.23
N LYS A 141 4.85 -13.51 4.99
CA LYS A 141 3.57 -13.55 4.29
C LYS A 141 2.49 -13.16 5.30
N LEU A 142 1.83 -12.03 5.04
CA LEU A 142 0.84 -11.52 5.96
C LEU A 142 -0.52 -12.15 5.75
N GLY A 143 -0.82 -12.65 4.57
CA GLY A 143 -2.08 -13.26 4.26
C GLY A 143 -2.25 -13.36 2.76
N THR A 144 -3.42 -13.83 2.37
CA THR A 144 -3.74 -14.00 0.96
C THR A 144 -5.18 -13.61 0.72
N PHE A 145 -5.45 -13.11 -0.48
CA PHE A 145 -6.81 -12.91 -0.97
C PHE A 145 -7.39 -14.17 -1.57
N GLY A 146 -6.63 -15.27 -1.58
CA GLY A 146 -7.06 -16.49 -2.20
C GLY A 146 -6.64 -16.57 -3.65
N ALA A 147 -7.28 -17.50 -4.37
CA ALA A 147 -6.94 -17.71 -5.77
C ALA A 147 -7.02 -16.38 -6.51
N PHE A 148 -6.01 -16.12 -7.35
CA PHE A 148 -5.96 -14.87 -8.08
C PHE A 148 -7.18 -14.70 -8.95
N ASP A 149 -7.68 -13.46 -9.01
CA ASP A 149 -8.82 -13.12 -9.84
C ASP A 149 -8.69 -11.65 -10.24
N ASN A 150 -9.68 -11.20 -11.01
CA ASN A 150 -9.76 -9.81 -11.46
C ASN A 150 -10.96 -9.09 -10.79
N GLU A 151 -11.30 -9.49 -9.57
CA GLU A 151 -12.35 -8.86 -8.79
C GLU A 151 -11.79 -7.75 -7.93
N TRP A 152 -12.69 -6.92 -7.40
CA TRP A 152 -12.30 -5.94 -6.40
C TRP A 152 -11.95 -6.62 -5.08
N HIS A 153 -10.96 -6.05 -4.40
CA HIS A 153 -10.51 -6.48 -3.09
C HIS A 153 -10.27 -5.26 -2.21
N THR A 154 -10.28 -5.48 -0.91
CA THR A 154 -9.90 -4.46 0.05
C THR A 154 -8.77 -4.97 0.92
N LEU A 155 -7.89 -4.04 1.31
CA LEU A 155 -6.77 -4.35 2.17
C LEU A 155 -6.65 -3.22 3.17
N ALA A 156 -6.51 -3.54 4.44
CA ALA A 156 -6.26 -2.53 5.45
C ALA A 156 -5.23 -3.06 6.44
N PHE A 157 -4.56 -2.14 7.11
CA PHE A 157 -3.62 -2.43 8.18
C PHE A 157 -4.08 -1.59 9.36
N ARG A 158 -4.57 -2.27 10.39
CA ARG A 158 -5.19 -1.63 11.54
C ARG A 158 -4.19 -1.51 12.68
N PHE A 159 -4.01 -0.28 13.18
CA PHE A 159 -3.17 0.07 14.31
C PHE A 159 -4.07 0.23 15.53
N ALA A 160 -3.63 -0.31 16.67
CA ALA A 160 -4.47 -0.37 17.86
C ALA A 160 -4.35 0.85 18.75
N GLY A 161 -3.30 1.62 18.63
CA GLY A 161 -3.09 2.75 19.50
C GLY A 161 -2.20 2.39 20.66
N ASN A 162 -2.06 3.36 21.56
CA ASN A 162 -1.18 3.22 22.71
C ASN A 162 0.25 2.93 22.30
N ASN A 163 0.62 3.36 21.10
CA ASN A 163 1.96 3.18 20.51
C ASN A 163 2.29 1.73 20.24
N SER A 164 1.30 0.84 20.24
CA SER A 164 1.56 -0.54 19.89
C SER A 164 1.99 -0.64 18.43
N LEU A 165 3.03 -1.42 18.18
CA LEU A 165 3.50 -1.72 16.83
C LEU A 165 2.90 -3.01 16.29
N GLN A 166 1.92 -3.58 16.99
CA GLN A 166 1.22 -4.77 16.55
C GLN A 166 0.05 -4.39 15.68
N VAL A 167 0.12 -4.76 14.40
CA VAL A 167 -0.81 -4.37 13.34
C VAL A 167 -1.62 -5.58 12.93
N THR A 168 -2.90 -5.36 12.63
CA THR A 168 -3.73 -6.44 12.13
C THR A 168 -4.06 -6.18 10.68
N PRO A 169 -3.68 -7.08 9.76
CA PRO A 169 -4.11 -6.93 8.37
C PRO A 169 -5.56 -7.32 8.25
N VAL A 170 -6.29 -6.62 7.39
CA VAL A 170 -7.70 -6.87 7.15
C VAL A 170 -7.84 -7.11 5.65
N ILE A 171 -8.21 -8.33 5.28
CA ILE A 171 -8.19 -8.80 3.90
C ILE A 171 -9.64 -9.06 3.50
N ASP A 172 -10.15 -8.27 2.55
CA ASP A 172 -11.53 -8.41 2.10
C ASP A 172 -12.49 -8.42 3.30
N GLY A 173 -12.24 -7.54 4.26
CA GLY A 173 -13.13 -7.33 5.38
C GLY A 173 -12.96 -8.28 6.54
N GLN A 174 -11.97 -9.16 6.50
CA GLN A 174 -11.74 -10.11 7.57
C GLN A 174 -10.32 -10.02 8.06
N ASP A 175 -10.16 -9.92 9.37
CA ASP A 175 -8.83 -9.88 9.95
C ASP A 175 -8.03 -11.12 9.56
N GLY A 176 -6.76 -10.90 9.24
CA GLY A 176 -5.76 -11.93 9.24
C GLY A 176 -4.98 -11.96 10.54
N THR A 177 -3.84 -12.61 10.51
CA THR A 177 -3.06 -12.81 11.73
C THR A 177 -2.34 -11.53 12.11
N PRO A 178 -2.45 -11.07 13.36
CA PRO A 178 -1.67 -9.89 13.78
C PRO A 178 -0.19 -10.14 13.60
N PHE A 179 0.54 -9.05 13.33
CA PHE A 179 1.99 -9.11 13.23
C PHE A 179 2.54 -7.83 13.84
N THR A 180 3.81 -7.88 14.25
CA THR A 180 4.46 -6.73 14.84
C THR A 180 5.46 -6.13 13.85
N LEU A 181 5.36 -4.81 13.65
CA LEU A 181 6.32 -4.12 12.80
C LEU A 181 7.72 -4.32 13.34
N THR A 182 8.68 -4.43 12.43
CA THR A 182 10.09 -4.53 12.77
C THR A 182 10.84 -3.51 11.91
N GLN A 183 12.13 -3.39 12.16
CA GLN A 183 12.97 -2.68 11.21
C GLN A 183 12.94 -3.38 9.86
N SER A 184 13.25 -2.62 8.81
CA SER A 184 13.19 -3.11 7.44
C SER A 184 14.39 -2.58 6.67
N PRO A 185 14.82 -3.30 5.62
CA PRO A 185 15.94 -2.81 4.81
C PRO A 185 15.56 -1.74 3.81
N VAL A 186 14.26 -1.47 3.62
CA VAL A 186 13.86 -0.50 2.61
C VAL A 186 14.37 0.88 3.01
N SER A 187 15.11 1.52 2.11
CA SER A 187 15.79 2.77 2.40
C SER A 187 15.67 3.80 1.30
N ALA A 188 15.20 3.45 0.11
CA ALA A 188 15.32 4.31 -1.06
C ALA A 188 14.21 5.34 -1.19
N PHE A 189 13.24 5.36 -0.28
CA PHE A 189 12.07 6.22 -0.41
C PHE A 189 12.12 7.34 0.63
N ALA A 190 11.67 8.51 0.22
CA ALA A 190 11.78 9.70 1.06
C ALA A 190 10.96 9.56 2.35
N ALA A 191 11.53 10.06 3.43
CA ALA A 191 10.90 9.97 4.74
C ALA A 191 9.61 10.79 4.80
N ASP A 192 8.66 10.29 5.60
CA ASP A 192 7.43 11.01 5.94
C ASP A 192 6.53 11.19 4.73
N LYS A 193 6.63 10.29 3.76
CA LYS A 193 5.69 10.20 2.66
C LYS A 193 5.20 8.77 2.54
N LEU A 194 3.94 8.61 2.16
CA LEU A 194 3.42 7.35 1.71
C LEU A 194 3.71 7.23 0.22
N HIS A 195 4.39 6.14 -0.15
CA HIS A 195 4.76 5.84 -1.53
C HIS A 195 4.04 4.58 -1.97
N VAL A 196 3.33 4.69 -3.08
CA VAL A 196 2.63 3.55 -3.67
C VAL A 196 3.26 3.35 -5.05
N THR A 197 3.71 2.14 -5.33
CA THR A 197 4.50 1.92 -6.54
C THR A 197 4.35 0.50 -7.06
N ASP A 198 4.54 0.31 -8.35
CA ASP A 198 4.62 -1.05 -8.89
C ASP A 198 6.04 -1.62 -8.87
N ILE A 199 6.99 -0.95 -8.20
CA ILE A 199 8.23 -1.54 -7.72
C ILE A 199 9.31 -1.63 -8.79
N THR A 200 9.00 -2.30 -9.89
CA THR A 200 9.97 -2.74 -10.87
C THR A 200 9.70 -2.12 -12.23
N ARG A 201 10.76 -1.97 -13.03
CA ARG A 201 10.57 -1.57 -14.42
C ARG A 201 9.99 -2.70 -15.28
N GLY A 202 10.16 -3.94 -14.84
CA GLY A 202 9.60 -5.07 -15.55
C GLY A 202 8.09 -5.07 -15.50
N ALA A 203 7.47 -5.90 -16.35
CA ALA A 203 6.02 -5.93 -16.40
C ALA A 203 5.42 -6.29 -15.04
N THR A 204 4.38 -5.55 -14.68
CA THR A 204 3.56 -5.77 -13.49
C THR A 204 2.10 -5.81 -13.92
N TYR A 205 1.22 -6.26 -13.04
CA TYR A 205 -0.20 -6.29 -13.38
C TYR A 205 -0.74 -4.86 -13.48
N PRO A 206 -1.50 -4.53 -14.53
CA PRO A 206 -2.31 -3.30 -14.46
C PRO A 206 -3.21 -3.38 -13.24
N VAL A 207 -3.41 -2.25 -12.57
CA VAL A 207 -4.23 -2.21 -11.35
C VAL A 207 -5.19 -1.03 -11.41
N LEU A 208 -6.40 -1.26 -10.95
CA LEU A 208 -7.41 -0.23 -10.77
C LEU A 208 -7.49 0.10 -9.28
N ILE A 209 -7.41 1.37 -8.95
CA ILE A 209 -7.51 1.85 -7.58
C ILE A 209 -8.82 2.59 -7.41
N ASP A 210 -9.61 2.19 -6.43
CA ASP A 210 -10.82 2.90 -6.03
C ASP A 210 -10.49 4.00 -5.03
N SER A 211 -9.71 3.65 -4.01
CA SER A 211 -9.34 4.58 -2.96
C SER A 211 -8.08 4.09 -2.26
N ILE A 212 -7.37 5.06 -1.67
CA ILE A 212 -6.26 4.84 -0.74
C ILE A 212 -6.48 5.83 0.38
N ALA A 213 -6.32 5.40 1.63
CA ALA A 213 -6.46 6.36 2.72
C ALA A 213 -5.67 5.93 3.93
N VAL A 214 -5.30 6.92 4.75
CA VAL A 214 -4.87 6.68 6.12
C VAL A 214 -5.83 7.45 7.01
N GLU A 215 -6.41 6.76 7.97
CA GLU A 215 -7.36 7.34 8.91
C GLU A 215 -6.83 7.13 10.33
N VAL A 216 -7.12 8.09 11.19
CA VAL A 216 -6.66 8.09 12.57
C VAL A 216 -7.89 8.17 13.47
N ASN A 217 -7.95 7.30 14.46
CA ASN A 217 -9.09 7.32 15.37
C ASN A 217 -9.18 8.67 16.08
N SER A 218 -10.41 9.13 16.32
CA SER A 218 -10.60 10.41 17.01
C SER A 218 -11.13 10.18 18.41
C1 GOL B . 16.97 -11.86 5.35
O1 GOL B . 16.77 -13.17 4.94
C2 GOL B . 17.02 -11.91 6.84
O2 GOL B . 15.88 -12.67 7.33
C3 GOL B . 16.88 -10.52 7.41
O3 GOL B . 16.85 -10.60 8.82
H11 GOL B . 16.10 -11.24 4.99
H12 GOL B . 17.94 -11.51 4.91
HO1 GOL B . 17.67 -13.44 4.72
H2 GOL B . 17.94 -12.47 7.19
HO2 GOL B . 15.79 -12.33 8.22
H31 GOL B . 15.94 -10.06 7.07
H32 GOL B . 17.73 -9.89 7.11
HO3 GOL B . 16.28 -9.85 9.04
#